data_2A3L
#
_entry.id   2A3L
#
_cell.length_a   131.325
_cell.length_b   131.325
_cell.length_c   208.254
_cell.angle_alpha   90.00
_cell.angle_beta   90.00
_cell.angle_gamma   120.00
#
_symmetry.space_group_name_H-M   'P 62 2 2'
#
loop_
_entity.id
_entity.type
_entity.pdbx_description
1 polymer 'AMP deaminase'
2 non-polymer 'ZINC ION'
3 non-polymer 'PHOSPHATE ION'
4 non-polymer "COFORMYCIN 5'-PHOSPHATE"
5 water water
#
_entity_poly.entity_id   1
_entity_poly.type   'polypeptide(L)'
_entity_poly.pdbx_seq_one_letter_code
;MSPKSPVASASAFESVEESDDDDNLTNSEGLDASYLQANGDNEMPADANEEQISMAASSMIRSHSVSGDLHGVQPDPIAA
DILRKEPEQETFVRLNVPLEVPTSDEVEAYKCLQECLELRKRYVFQETVAPWEKEVISDPSTPKPNTEPFAHYPQGKSDH
CFEMQDGVVHVFANKDAKEDLFPVADATAFFTDLHHVLKVIAAGNIRTLCHRRLVLLEQKFNLHLMLNADKEFLAQKSAP
HRDFYNVRKVDTHVHHSACMNQKHLLRFIKSKLRKEPDEVVIFRDGTYLTLREVFESLDLTGYDLNVDLLDVHADKSTFH
RFDKFNLKYNPCGQSRLREIFLKQDNLIQGRFLGEITKQVFSDLEASKYQMAEYRISIYGRKMSEWDQLASWIVNNDLYS
ENVVWLIQLPRLYNIYKDMGIVTSFQNILDNIFIPLFEATVDPDSHPQLHVFLKQVVGFDLVDDESKPERRPTKHMPTPA
QWTNAFNPAFSYYVYYCYANLYVLNKLRESKGMTTITLRPHSGEAGDIDHLAATFLTCHSIAHGINLRKSPVLQYLYYLA
QIGLAMSPLSNNSLFLDYHRNPFPVFFLRGLNVSLSTDDPLQIHLTKEPLVEEYSIAASVWKLSACDLCEIARNSVYQSG
FSHALKSHWIGKDYYKRGPDGNDIHKTNVPHIRVEFRDTIWKEEMQQVYLGKAVISDEVVP
;
_entity_poly.pdbx_strand_id   A
#
loop_
_chem_comp.id
_chem_comp.type
_chem_comp.name
_chem_comp.formula
CF5 non-polymer 'COFORMYCIN 5'-PHOSPHATE' 'C11 H17 N4 O8 P'
PO4 non-polymer 'PHOSPHATE ION' 'O4 P -3'
ZN non-polymer 'ZINC ION' 'Zn 2'
#
# COMPACT_ATOMS: atom_id res chain seq x y z
N GLN A 74 25.00 8.44 15.57
CA GLN A 74 25.76 8.38 14.28
C GLN A 74 25.22 9.19 13.11
N PRO A 75 23.98 8.89 12.70
CA PRO A 75 23.28 9.53 11.60
C PRO A 75 23.99 10.12 10.37
N ASP A 76 23.51 9.66 9.20
CA ASP A 76 23.96 10.02 7.86
C ASP A 76 25.12 9.16 7.37
N PRO A 77 24.84 8.10 6.56
CA PRO A 77 25.84 7.17 6.00
C PRO A 77 26.50 7.72 4.77
N ILE A 78 25.74 8.48 3.99
CA ILE A 78 26.28 9.03 2.76
C ILE A 78 27.76 9.41 3.04
N ALA A 79 28.03 10.08 4.14
CA ALA A 79 29.41 10.45 4.44
C ALA A 79 30.26 9.29 4.96
N ALA A 80 30.05 8.92 6.23
CA ALA A 80 30.77 7.84 6.94
C ALA A 80 32.05 7.37 6.30
N ASP A 81 33.14 7.52 7.04
CA ASP A 81 34.43 7.12 6.53
C ASP A 81 34.75 5.67 6.79
N ILE A 82 35.66 5.19 5.96
CA ILE A 82 36.15 3.84 5.97
C ILE A 82 36.77 3.52 7.35
N LEU A 83 36.68 2.28 7.86
CA LEU A 83 37.34 1.99 9.15
C LEU A 83 38.16 0.72 9.26
N ARG A 84 37.57 -0.38 9.70
CA ARG A 84 38.36 -1.60 9.88
C ARG A 84 37.61 -2.91 10.16
N LYS A 85 38.31 -3.72 10.93
CA LYS A 85 37.77 -4.93 11.50
C LYS A 85 37.85 -6.40 11.19
N GLU A 86 37.82 -7.08 12.34
CA GLU A 86 37.87 -8.51 12.60
C GLU A 86 36.62 -9.02 13.34
N PRO A 87 35.61 -8.16 13.65
CA PRO A 87 34.48 -8.78 14.31
C PRO A 87 33.95 -9.88 13.42
N GLU A 88 34.18 -11.09 13.97
CA GLU A 88 33.81 -12.40 13.43
C GLU A 88 33.07 -13.25 14.46
N GLN A 89 32.12 -12.62 15.18
CA GLN A 89 31.33 -13.22 16.27
C GLN A 89 30.49 -12.02 16.70
N GLU A 90 29.21 -11.95 16.34
CA GLU A 90 28.45 -10.71 16.69
C GLU A 90 28.01 -10.49 18.11
N THR A 91 27.76 -9.21 18.46
CA THR A 91 27.40 -8.76 19.83
C THR A 91 26.06 -8.06 20.14
N PHE A 92 25.21 -8.68 20.97
CA PHE A 92 23.97 -8.03 21.42
C PHE A 92 24.59 -7.09 22.48
N VAL A 93 23.94 -6.90 23.60
CA VAL A 93 24.52 -6.10 24.69
C VAL A 93 24.71 -4.62 24.50
N ARG A 94 24.17 -3.85 25.47
CA ARG A 94 24.23 -2.39 25.50
C ARG A 94 23.51 -1.78 26.69
N LEU A 95 23.46 -0.46 26.72
CA LEU A 95 22.83 0.23 27.82
C LEU A 95 21.33 0.04 27.80
N ASN A 96 20.79 -0.52 28.88
CA ASN A 96 19.37 -0.84 28.94
C ASN A 96 18.29 0.18 29.41
N VAL A 97 18.61 1.27 30.09
CA VAL A 97 17.55 2.23 30.51
C VAL A 97 16.20 1.83 31.18
N PRO A 98 16.16 1.46 32.48
CA PRO A 98 14.80 1.14 32.97
C PRO A 98 14.09 2.41 33.46
N LEU A 99 12.76 2.42 33.46
CA LEU A 99 11.95 3.57 33.93
C LEU A 99 10.80 3.05 34.78
N GLU A 100 9.79 2.51 34.10
CA GLU A 100 8.60 1.84 34.64
C GLU A 100 7.24 2.51 34.99
N VAL A 101 7.23 3.70 35.58
CA VAL A 101 5.99 4.44 35.95
C VAL A 101 4.70 3.72 36.43
N PRO A 102 4.12 4.18 37.56
CA PRO A 102 2.89 3.59 38.10
C PRO A 102 1.73 4.23 37.36
N THR A 103 0.58 4.37 38.02
CA THR A 103 -0.55 4.92 37.32
C THR A 103 -1.61 5.66 38.12
N SER A 104 -2.22 6.67 37.48
CA SER A 104 -3.28 7.53 38.03
C SER A 104 -4.71 7.07 37.70
N ASP A 105 -5.70 7.73 38.30
CA ASP A 105 -7.12 7.37 38.08
C ASP A 105 -7.45 7.30 36.60
N GLU A 106 -6.73 8.06 35.79
CA GLU A 106 -6.99 8.04 34.36
C GLU A 106 -6.27 6.88 33.72
N VAL A 107 -6.67 5.71 34.21
CA VAL A 107 -6.21 4.44 33.75
C VAL A 107 -7.38 4.18 32.82
N GLU A 108 -8.51 4.80 33.18
CA GLU A 108 -9.71 4.70 32.37
C GLU A 108 -9.42 5.65 31.25
N ALA A 109 -8.46 5.23 30.44
CA ALA A 109 -8.01 5.94 29.28
C ALA A 109 -7.36 4.79 28.66
N TYR A 110 -6.34 4.28 29.34
CA TYR A 110 -5.63 3.12 28.85
C TYR A 110 -6.72 2.11 28.52
N LYS A 111 -7.70 2.00 29.41
CA LYS A 111 -8.79 1.10 29.18
C LYS A 111 -9.31 1.40 27.77
N CYS A 112 -9.71 2.66 27.54
CA CYS A 112 -10.23 3.11 26.25
C CYS A 112 -9.33 2.68 25.09
N LEU A 113 -8.03 2.77 25.30
CA LEU A 113 -7.12 2.36 24.27
C LEU A 113 -7.38 0.89 24.06
N GLN A 114 -7.39 0.12 25.15
CA GLN A 114 -7.62 -1.30 25.06
C GLN A 114 -8.73 -1.60 24.07
N GLU A 115 -9.93 -1.07 24.32
CA GLU A 115 -11.09 -1.29 23.43
C GLU A 115 -10.74 -1.12 21.94
N CYS A 116 -10.35 0.10 21.59
CA CYS A 116 -9.99 0.45 20.24
C CYS A 116 -8.98 -0.54 19.74
N LEU A 117 -8.12 -0.96 20.65
CA LEU A 117 -7.08 -1.89 20.31
C LEU A 117 -7.68 -3.26 20.00
N GLU A 118 -8.72 -3.60 20.73
CA GLU A 118 -9.39 -4.89 20.55
C GLU A 118 -10.19 -4.80 19.28
N LEU A 119 -11.13 -3.85 19.25
CA LEU A 119 -11.95 -3.62 18.08
C LEU A 119 -11.14 -3.86 16.82
N ARG A 120 -10.16 -3.04 16.56
CA ARG A 120 -9.40 -3.29 15.36
C ARG A 120 -9.20 -4.78 15.18
N LYS A 121 -8.66 -5.45 16.20
CA LYS A 121 -8.36 -6.88 16.13
C LYS A 121 -9.57 -7.70 15.69
N ARG A 122 -10.66 -7.59 16.43
CA ARG A 122 -11.88 -8.30 16.09
C ARG A 122 -12.45 -7.65 14.82
N TYR A 123 -11.72 -7.66 13.71
CA TYR A 123 -12.16 -6.96 12.47
C TYR A 123 -11.21 -7.17 11.31
N VAL A 124 -10.05 -6.59 11.42
CA VAL A 124 -9.18 -6.77 10.32
C VAL A 124 -9.02 -8.28 10.13
N PHE A 125 -9.38 -8.73 8.94
CA PHE A 125 -9.25 -10.13 8.60
C PHE A 125 -7.79 -10.56 8.62
N GLN A 126 -7.58 -11.86 8.88
CA GLN A 126 -6.26 -12.52 8.86
C GLN A 126 -6.39 -14.03 8.69
N GLU A 127 -5.56 -14.56 7.78
CA GLU A 127 -5.53 -15.99 7.41
C GLU A 127 -5.37 -17.02 8.53
N THR A 128 -6.47 -17.62 8.97
CA THR A 128 -6.46 -18.63 10.03
C THR A 128 -5.15 -19.49 10.14
N VAL A 129 -4.47 -19.72 9.01
CA VAL A 129 -3.23 -20.48 8.98
C VAL A 129 -2.19 -19.68 8.20
N ALA A 130 -1.17 -19.16 8.88
CA ALA A 130 -0.13 -18.29 8.28
C ALA A 130 1.01 -18.83 7.43
N PRO A 131 1.38 -18.07 6.39
CA PRO A 131 2.45 -18.36 5.43
C PRO A 131 3.59 -19.32 5.83
N TRP A 132 4.23 -19.06 6.98
CA TRP A 132 5.34 -19.90 7.43
C TRP A 132 4.88 -21.30 7.93
N GLU A 133 3.57 -21.48 8.12
CA GLU A 133 2.99 -22.78 8.53
C GLU A 133 2.32 -23.31 7.25
N LYS A 134 3.11 -23.38 6.18
CA LYS A 134 2.66 -23.77 4.85
C LYS A 134 2.40 -25.23 4.47
N GLU A 135 1.70 -26.00 5.31
CA GLU A 135 1.35 -27.42 5.05
C GLU A 135 1.37 -28.27 6.32
N GLU A 148 10.67 -22.43 -15.18
CA GLU A 148 9.25 -22.47 -15.62
C GLU A 148 8.57 -21.10 -15.68
N PRO A 149 7.50 -21.00 -16.50
CA PRO A 149 6.68 -19.79 -16.73
C PRO A 149 5.88 -19.27 -15.53
N PHE A 150 4.57 -19.07 -15.72
CA PHE A 150 3.70 -18.54 -14.67
C PHE A 150 2.19 -18.78 -14.85
N ALA A 151 1.74 -19.24 -16.01
CA ALA A 151 0.32 -19.44 -16.26
C ALA A 151 -0.25 -20.79 -16.77
N HIS A 152 -1.57 -20.94 -16.57
CA HIS A 152 -2.42 -22.09 -16.96
C HIS A 152 -3.01 -23.00 -15.86
N TYR A 153 -3.15 -24.28 -16.20
CA TYR A 153 -3.67 -25.38 -15.39
C TYR A 153 -5.14 -25.37 -15.00
N PRO A 154 -5.85 -26.45 -15.38
CA PRO A 154 -7.28 -26.68 -15.13
C PRO A 154 -7.62 -27.09 -13.68
N GLN A 155 -8.79 -26.65 -13.24
CA GLN A 155 -9.29 -26.93 -11.90
C GLN A 155 -10.75 -27.39 -12.06
N GLY A 156 -11.70 -26.47 -11.94
CA GLY A 156 -13.09 -26.83 -12.13
C GLY A 156 -13.99 -26.93 -10.91
N LYS A 157 -13.49 -27.55 -9.85
CA LYS A 157 -14.28 -27.72 -8.63
C LYS A 157 -15.35 -26.66 -8.35
N SER A 158 -16.59 -27.14 -8.32
CA SER A 158 -17.77 -26.35 -8.08
C SER A 158 -17.80 -25.57 -6.76
N ASP A 159 -18.80 -25.84 -5.92
CA ASP A 159 -18.97 -25.09 -4.66
C ASP A 159 -19.71 -23.88 -5.18
N HIS A 160 -20.82 -23.48 -4.55
CA HIS A 160 -21.53 -22.33 -5.11
C HIS A 160 -22.20 -21.27 -4.28
N CYS A 161 -23.00 -20.49 -5.00
CA CYS A 161 -23.81 -19.36 -4.54
C CYS A 161 -23.04 -18.15 -4.00
N PHE A 162 -23.39 -16.97 -4.50
CA PHE A 162 -22.76 -15.72 -4.08
C PHE A 162 -23.75 -15.01 -3.22
N GLU A 163 -24.83 -14.57 -3.86
CA GLU A 163 -25.91 -13.88 -3.18
C GLU A 163 -25.58 -12.62 -2.36
N MET A 164 -25.08 -11.58 -3.03
CA MET A 164 -24.75 -10.32 -2.34
C MET A 164 -25.92 -9.52 -1.75
N GLN A 165 -26.09 -9.58 -0.43
CA GLN A 165 -27.16 -8.83 0.23
C GLN A 165 -26.57 -7.53 0.79
N ASP A 166 -27.27 -6.41 0.54
CA ASP A 166 -26.88 -5.06 0.98
C ASP A 166 -25.37 -4.72 0.82
N GLY A 167 -24.86 -4.85 -0.40
CA GLY A 167 -23.45 -4.54 -0.65
C GLY A 167 -22.45 -5.50 -0.02
N VAL A 168 -22.97 -6.39 0.81
CA VAL A 168 -22.16 -7.36 1.50
C VAL A 168 -22.51 -8.74 0.94
N VAL A 169 -21.65 -9.34 0.11
CA VAL A 169 -21.95 -10.67 -0.43
C VAL A 169 -22.12 -11.71 0.68
N HIS A 170 -22.73 -12.85 0.37
CA HIS A 170 -22.97 -13.84 1.40
C HIS A 170 -22.50 -15.26 1.20
N VAL A 171 -22.27 -15.66 -0.04
CA VAL A 171 -21.83 -17.02 -0.35
C VAL A 171 -22.24 -18.12 0.66
N PHE A 172 -23.45 -18.67 0.48
CA PHE A 172 -24.01 -19.75 1.33
C PHE A 172 -23.37 -21.08 0.99
N ALA A 173 -23.43 -22.00 1.96
CA ALA A 173 -22.85 -23.33 1.82
C ALA A 173 -23.00 -23.93 0.42
N ASN A 174 -21.89 -24.35 -0.18
CA ASN A 174 -21.82 -24.97 -1.53
C ASN A 174 -23.17 -25.36 -2.14
N LYS A 175 -23.98 -26.09 -1.38
CA LYS A 175 -25.30 -26.50 -1.83
C LYS A 175 -26.23 -25.29 -1.66
N ASP A 176 -27.03 -25.32 -0.60
CA ASP A 176 -27.93 -24.23 -0.32
C ASP A 176 -28.22 -24.32 1.16
N ALA A 177 -27.70 -23.34 1.89
CA ALA A 177 -27.85 -23.30 3.33
C ALA A 177 -28.93 -22.34 3.79
N LYS A 178 -28.62 -21.56 4.82
CA LYS A 178 -29.57 -20.59 5.37
C LYS A 178 -28.87 -19.82 6.50
N GLU A 179 -27.54 -19.88 6.47
CA GLU A 179 -26.71 -19.23 7.48
C GLU A 179 -25.44 -18.65 6.84
N ASP A 180 -25.04 -19.27 5.72
CA ASP A 180 -23.85 -18.97 4.91
C ASP A 180 -22.52 -19.23 5.65
N LEU A 181 -21.39 -18.82 5.08
CA LEU A 181 -20.12 -19.02 5.78
C LEU A 181 -20.16 -17.94 6.88
N PHE A 182 -21.39 -17.76 7.38
CA PHE A 182 -21.83 -16.80 8.42
C PHE A 182 -20.82 -15.85 9.06
N PRO A 183 -20.18 -14.99 8.26
CA PRO A 183 -19.21 -14.08 8.84
C PRO A 183 -19.65 -12.60 8.93
N VAL A 184 -18.64 -11.74 8.74
CA VAL A 184 -18.73 -10.27 8.76
C VAL A 184 -19.83 -9.48 9.48
N ALA A 185 -19.36 -8.42 10.16
CA ALA A 185 -20.19 -7.52 10.92
C ALA A 185 -20.79 -6.54 9.95
N ASP A 186 -22.06 -6.21 10.16
CA ASP A 186 -22.77 -5.29 9.28
C ASP A 186 -22.24 -3.87 9.21
N ALA A 187 -22.63 -3.18 8.15
CA ALA A 187 -22.26 -1.79 7.90
C ALA A 187 -22.46 -0.96 9.16
N THR A 188 -23.71 -0.68 9.52
CA THR A 188 -23.92 0.08 10.75
C THR A 188 -23.35 -0.89 11.72
N ALA A 189 -22.65 -0.35 12.70
CA ALA A 189 -21.94 -1.13 13.68
C ALA A 189 -20.64 -0.50 13.30
N PHE A 190 -20.01 -1.08 12.28
CA PHE A 190 -18.77 -0.54 11.84
C PHE A 190 -18.84 0.99 11.81
N PHE A 191 -20.04 1.57 11.69
CA PHE A 191 -20.11 3.01 11.69
C PHE A 191 -20.20 3.51 13.13
N THR A 192 -20.88 2.75 13.98
CA THR A 192 -21.02 3.13 15.38
C THR A 192 -19.72 2.88 16.16
N ASP A 193 -18.95 1.89 15.74
CA ASP A 193 -17.67 1.57 16.37
C ASP A 193 -16.76 2.72 15.95
N LEU A 194 -16.96 3.17 14.71
CA LEU A 194 -16.17 4.24 14.16
C LEU A 194 -16.43 5.49 14.96
N HIS A 195 -17.68 5.76 15.30
CA HIS A 195 -17.85 6.92 16.11
C HIS A 195 -17.10 6.66 17.37
N HIS A 196 -17.34 5.51 17.99
CA HIS A 196 -16.67 5.23 19.24
C HIS A 196 -15.21 5.63 19.18
N VAL A 197 -14.46 5.07 18.23
CA VAL A 197 -13.05 5.42 18.13
C VAL A 197 -12.90 6.92 18.02
N LEU A 198 -13.74 7.48 17.18
CA LEU A 198 -13.72 8.89 16.90
C LEU A 198 -13.98 9.79 18.10
N LYS A 199 -14.48 9.19 19.17
CA LYS A 199 -14.73 9.95 20.39
C LYS A 199 -13.44 9.94 21.16
N VAL A 200 -13.10 8.78 21.69
CA VAL A 200 -11.88 8.58 22.47
C VAL A 200 -10.72 9.30 21.83
N ILE A 201 -10.68 9.21 20.51
CA ILE A 201 -9.65 9.80 19.67
C ILE A 201 -9.41 11.31 19.90
N ALA A 202 -10.46 12.04 20.29
CA ALA A 202 -10.32 13.46 20.50
C ALA A 202 -10.80 13.85 21.87
N ALA A 203 -11.01 12.86 22.71
CA ALA A 203 -11.43 13.12 24.07
C ALA A 203 -10.22 13.74 24.79
N GLY A 204 -10.46 14.83 25.51
CA GLY A 204 -9.41 15.54 26.22
C GLY A 204 -8.19 14.86 26.82
N ASN A 205 -8.35 14.31 28.02
CA ASN A 205 -7.24 13.69 28.72
C ASN A 205 -6.53 12.56 28.01
N ILE A 206 -7.19 11.90 27.07
CA ILE A 206 -6.49 10.81 26.40
C ILE A 206 -5.49 11.36 25.38
N ARG A 207 -5.86 12.47 24.74
CA ARG A 207 -5.01 13.15 23.75
C ARG A 207 -3.72 13.48 24.47
N THR A 208 -3.88 13.97 25.70
CA THR A 208 -2.74 14.33 26.53
C THR A 208 -1.85 13.14 26.89
N LEU A 209 -2.44 12.10 27.42
CA LEU A 209 -1.65 10.95 27.79
C LEU A 209 -0.87 10.43 26.62
N CYS A 210 -1.52 10.24 25.48
CA CYS A 210 -0.82 9.76 24.31
C CYS A 210 0.31 10.69 23.85
N HIS A 211 0.08 12.00 23.82
CA HIS A 211 1.17 12.87 23.42
C HIS A 211 2.33 12.61 24.37
N ARG A 212 2.07 12.68 25.67
CA ARG A 212 3.11 12.47 26.67
C ARG A 212 3.88 11.17 26.48
N ARG A 213 3.19 10.16 25.98
CA ARG A 213 3.76 8.84 25.80
C ARG A 213 4.51 8.71 24.47
N LEU A 214 4.09 9.46 23.46
CA LEU A 214 4.75 9.42 22.15
C LEU A 214 6.06 10.13 22.22
N VAL A 215 6.01 11.37 22.66
CA VAL A 215 7.21 12.13 22.77
C VAL A 215 8.12 11.41 23.73
N LEU A 216 7.55 10.78 24.74
CA LEU A 216 8.38 10.03 25.68
C LEU A 216 9.01 8.87 24.93
N LEU A 217 8.30 8.37 23.93
CA LEU A 217 8.82 7.28 23.13
C LEU A 217 10.06 7.72 22.38
N GLU A 218 10.03 8.94 21.86
CA GLU A 218 11.10 9.53 21.05
C GLU A 218 12.37 9.60 21.83
N GLN A 219 12.31 10.39 22.89
CA GLN A 219 13.41 10.59 23.83
C GLN A 219 14.23 9.31 24.06
N LYS A 220 13.55 8.31 24.54
CA LYS A 220 14.17 7.06 24.80
C LYS A 220 14.93 6.66 23.56
N PHE A 221 14.31 6.63 22.40
CA PHE A 221 15.10 6.17 21.27
C PHE A 221 16.36 7.02 21.16
N ASN A 222 16.23 8.35 21.26
CA ASN A 222 17.40 9.23 21.18
C ASN A 222 18.47 8.91 22.20
N LEU A 223 18.04 8.82 23.46
CA LEU A 223 18.94 8.49 24.57
C LEU A 223 19.75 7.26 24.18
N HIS A 224 19.01 6.25 23.73
CA HIS A 224 19.52 4.98 23.29
C HIS A 224 20.58 5.15 22.25
N LEU A 225 20.30 6.04 21.30
CA LEU A 225 21.22 6.35 20.23
C LEU A 225 22.44 6.91 20.85
N MET A 226 22.26 7.72 21.89
CA MET A 226 23.40 8.34 22.54
C MET A 226 24.26 7.37 23.29
N LEU A 227 23.67 6.27 23.71
CA LEU A 227 24.42 5.27 24.45
C LEU A 227 24.95 4.15 23.56
N ASN A 228 24.24 3.88 22.48
CA ASN A 228 24.60 2.74 21.69
C ASN A 228 24.84 2.82 20.18
N ALA A 229 24.68 3.98 19.59
CA ALA A 229 24.86 4.10 18.14
C ALA A 229 26.08 3.40 17.62
N ASP A 230 27.18 3.50 18.34
CA ASP A 230 28.39 2.84 17.90
C ASP A 230 28.30 1.35 18.17
N LYS A 231 27.60 0.96 19.22
CA LYS A 231 27.48 -0.43 19.44
C LYS A 231 26.77 -0.96 18.22
N GLU A 232 25.82 -0.20 17.67
CA GLU A 232 25.08 -0.64 16.49
C GLU A 232 25.92 -0.52 15.24
N PHE A 233 26.71 0.53 15.17
CA PHE A 233 27.53 0.70 14.00
C PHE A 233 28.37 -0.54 13.80
N LEU A 234 29.11 -0.86 14.83
CA LEU A 234 30.01 -1.96 14.78
C LEU A 234 29.35 -3.32 14.58
N ALA A 235 28.28 -3.62 15.28
CA ALA A 235 27.67 -4.94 15.04
C ALA A 235 27.64 -5.25 13.52
N GLN A 236 27.13 -4.28 12.78
CA GLN A 236 26.97 -4.37 11.35
C GLN A 236 28.23 -4.79 10.66
N LYS A 237 29.37 -4.65 11.33
CA LYS A 237 30.66 -4.98 10.73
C LYS A 237 31.00 -6.44 10.85
N SER A 238 30.16 -7.17 11.54
CA SER A 238 30.36 -8.59 11.72
C SER A 238 29.71 -9.34 10.56
N ALA A 239 28.81 -8.67 9.87
CA ALA A 239 28.12 -9.22 8.72
C ALA A 239 28.81 -8.37 7.69
N PRO A 240 30.05 -8.72 7.34
CA PRO A 240 30.92 -8.04 6.39
C PRO A 240 30.27 -7.84 5.07
N HIS A 241 29.66 -8.91 4.64
CA HIS A 241 29.03 -8.96 3.37
C HIS A 241 27.98 -7.93 3.09
N ARG A 242 26.97 -7.96 3.96
CA ARG A 242 25.81 -7.13 3.82
C ARG A 242 25.98 -5.68 4.24
N ASP A 243 25.68 -4.80 3.29
CA ASP A 243 25.68 -3.38 3.54
C ASP A 243 24.40 -2.88 2.88
N PHE A 244 24.24 -1.57 2.67
CA PHE A 244 22.97 -1.09 2.10
C PHE A 244 22.54 -1.75 0.82
N TYR A 245 23.31 -1.59 -0.25
CA TYR A 245 22.93 -2.21 -1.49
C TYR A 245 22.37 -3.61 -1.22
N ASN A 246 23.25 -4.58 -0.91
CA ASN A 246 22.88 -5.98 -0.63
C ASN A 246 21.51 -6.19 -0.04
N VAL A 247 21.10 -5.37 0.91
CA VAL A 247 19.79 -5.59 1.49
C VAL A 247 18.59 -5.29 0.58
N ARG A 248 17.69 -6.26 0.49
CA ARG A 248 16.51 -6.16 -0.36
C ARG A 248 15.49 -5.22 0.25
N LYS A 249 15.20 -4.14 -0.47
CA LYS A 249 14.22 -3.16 -0.02
C LYS A 249 13.04 -3.10 -1.02
N VAL A 250 11.83 -2.90 -0.50
CA VAL A 250 10.63 -2.87 -1.32
C VAL A 250 9.92 -1.53 -1.45
N ASP A 251 9.60 -1.14 -2.69
CA ASP A 251 8.87 0.10 -2.93
C ASP A 251 7.41 -0.21 -2.62
N THR A 252 7.09 -0.13 -1.36
CA THR A 252 5.80 -0.43 -0.84
C THR A 252 4.58 0.44 -1.25
N HIS A 253 4.79 1.42 -2.11
CA HIS A 253 3.70 2.29 -2.55
C HIS A 253 4.15 2.98 -3.82
N VAL A 254 3.76 2.40 -4.95
CA VAL A 254 4.09 2.92 -6.27
C VAL A 254 2.86 2.74 -7.09
N HIS A 255 2.64 3.68 -7.98
CA HIS A 255 1.50 3.64 -8.87
C HIS A 255 2.09 3.22 -10.21
N HIS A 256 1.60 2.10 -10.70
CA HIS A 256 2.08 1.61 -11.96
C HIS A 256 1.64 2.61 -12.96
N SER A 257 2.59 3.09 -13.73
CA SER A 257 2.31 4.06 -14.77
C SER A 257 3.27 5.17 -14.56
N ALA A 258 3.36 5.63 -13.32
CA ALA A 258 4.26 6.71 -12.99
C ALA A 258 5.62 6.11 -12.77
N CYS A 259 5.65 4.79 -12.73
CA CYS A 259 6.84 3.97 -12.51
C CYS A 259 7.71 3.87 -13.73
N MET A 260 8.44 4.92 -14.05
CA MET A 260 9.32 4.94 -15.21
C MET A 260 9.95 6.31 -15.20
N ASN A 261 11.14 6.44 -15.76
CA ASN A 261 11.78 7.73 -15.76
C ASN A 261 11.50 8.28 -17.11
N GLN A 262 11.24 9.57 -17.16
CA GLN A 262 10.97 10.17 -18.41
C GLN A 262 12.00 9.82 -19.44
N LYS A 263 13.27 10.15 -19.22
CA LYS A 263 14.30 9.86 -20.21
C LYS A 263 14.05 8.53 -20.91
N HIS A 264 13.59 7.53 -20.18
CA HIS A 264 13.26 6.19 -20.73
C HIS A 264 11.94 6.34 -21.50
N LEU A 265 10.85 6.55 -20.76
CA LEU A 265 9.50 6.75 -21.32
C LEU A 265 9.56 7.55 -22.59
N LEU A 266 10.16 8.73 -22.49
CA LEU A 266 10.27 9.59 -23.63
C LEU A 266 10.91 8.76 -24.70
N ARG A 267 12.21 8.49 -24.56
CA ARG A 267 12.89 7.70 -25.58
C ARG A 267 12.10 6.50 -26.11
N PHE A 268 11.18 5.96 -25.31
CA PHE A 268 10.39 4.84 -25.79
C PHE A 268 9.58 5.39 -26.93
N ILE A 269 8.85 6.45 -26.64
CA ILE A 269 7.98 7.17 -27.55
C ILE A 269 8.78 7.70 -28.71
N LYS A 270 9.65 8.66 -28.43
CA LYS A 270 10.49 9.25 -29.46
C LYS A 270 10.80 8.16 -30.51
N SER A 271 11.24 7.00 -30.04
CA SER A 271 11.58 5.88 -30.93
C SER A 271 10.40 5.28 -31.65
N LYS A 272 9.46 4.67 -30.95
CA LYS A 272 8.31 4.04 -31.61
C LYS A 272 7.56 4.95 -32.57
N LEU A 273 8.10 6.14 -32.80
CA LEU A 273 7.52 7.10 -33.73
C LEU A 273 8.36 6.85 -34.96
N ARG A 274 9.64 7.17 -34.82
CA ARG A 274 10.65 6.98 -35.85
C ARG A 274 10.46 5.65 -36.52
N LYS A 275 10.77 4.59 -35.78
CA LYS A 275 10.71 3.20 -36.23
C LYS A 275 9.32 2.57 -36.45
N GLU A 276 8.33 3.39 -36.77
CA GLU A 276 6.99 2.90 -37.03
C GLU A 276 5.88 3.97 -37.09
N PRO A 277 6.10 5.07 -37.84
CA PRO A 277 5.04 6.07 -37.89
C PRO A 277 3.69 5.48 -38.21
N ASP A 278 3.35 5.45 -39.49
CA ASP A 278 2.08 4.95 -40.01
C ASP A 278 1.47 3.64 -39.46
N GLU A 279 1.30 3.55 -38.14
CA GLU A 279 0.71 2.37 -37.51
C GLU A 279 -0.54 2.83 -36.78
N VAL A 280 -1.71 2.38 -37.20
CA VAL A 280 -2.95 2.77 -36.53
C VAL A 280 -2.65 2.62 -35.07
N VAL A 281 -3.19 3.54 -34.28
CA VAL A 281 -3.00 3.53 -32.84
C VAL A 281 -4.30 3.87 -32.17
N ILE A 282 -4.89 4.96 -32.61
CA ILE A 282 -6.15 5.33 -32.03
C ILE A 282 -7.11 5.83 -33.09
N PHE A 283 -8.39 5.79 -32.74
CA PHE A 283 -9.46 6.24 -33.60
C PHE A 283 -10.26 7.24 -32.83
N ARG A 284 -9.92 8.52 -33.01
CA ARG A 284 -10.68 9.57 -32.38
C ARG A 284 -11.03 10.54 -33.54
N ASP A 285 -11.92 11.49 -33.28
CA ASP A 285 -12.38 12.45 -34.29
C ASP A 285 -12.50 11.96 -35.76
N GLY A 286 -13.44 11.06 -35.99
CA GLY A 286 -13.69 10.57 -37.33
C GLY A 286 -13.04 9.30 -37.85
N THR A 287 -11.72 9.29 -37.96
CA THR A 287 -11.03 8.13 -38.48
C THR A 287 -9.97 7.61 -37.53
N TYR A 288 -9.32 6.53 -37.94
CA TYR A 288 -8.25 5.92 -37.19
C TYR A 288 -7.04 6.69 -37.61
N LEU A 289 -6.22 7.14 -36.68
CA LEU A 289 -5.02 7.87 -37.10
C LEU A 289 -3.78 6.99 -36.95
N THR A 290 -2.73 7.28 -37.71
CA THR A 290 -1.50 6.51 -37.55
C THR A 290 -0.85 7.11 -36.32
N LEU A 291 0.47 7.07 -36.25
CA LEU A 291 1.16 7.65 -35.11
C LEU A 291 1.55 9.04 -35.51
N ARG A 292 2.20 9.13 -36.69
CA ARG A 292 2.64 10.39 -37.25
C ARG A 292 1.47 11.36 -37.18
N GLU A 293 0.28 10.84 -37.47
CA GLU A 293 -0.92 11.65 -37.46
C GLU A 293 -1.08 12.25 -36.07
N VAL A 294 -1.58 11.41 -35.14
CA VAL A 294 -1.77 11.85 -33.78
C VAL A 294 -0.77 12.99 -33.44
N PHE A 295 0.51 12.75 -33.64
CA PHE A 295 1.48 13.77 -33.33
C PHE A 295 1.29 15.10 -34.02
N GLU A 296 1.38 15.12 -35.35
CA GLU A 296 1.23 16.36 -36.09
C GLU A 296 -0.17 16.89 -35.83
N SER A 297 -1.02 16.00 -35.32
CA SER A 297 -2.38 16.32 -34.99
C SER A 297 -2.40 17.22 -33.77
N LEU A 298 -1.49 16.96 -32.84
CA LEU A 298 -1.40 17.76 -31.65
C LEU A 298 -0.40 18.84 -31.95
N ASP A 299 0.27 18.68 -33.07
CA ASP A 299 1.29 19.59 -33.53
C ASP A 299 2.54 19.41 -32.70
N LEU A 300 2.72 20.26 -31.69
CA LEU A 300 3.89 20.16 -30.80
C LEU A 300 4.31 18.65 -30.65
N THR A 301 5.20 18.21 -31.55
CA THR A 301 5.61 16.81 -31.52
C THR A 301 7.00 16.40 -32.03
N GLY A 302 7.50 15.29 -31.45
CA GLY A 302 8.80 14.71 -31.78
C GLY A 302 9.95 15.07 -30.83
N TYR A 303 10.94 15.74 -31.41
CA TYR A 303 12.14 16.21 -30.75
C TYR A 303 11.74 17.24 -29.72
N ASP A 304 10.47 17.65 -29.74
CA ASP A 304 9.95 18.66 -28.83
C ASP A 304 9.19 18.01 -27.69
N LEU A 305 8.79 16.76 -27.89
CA LEU A 305 8.01 16.07 -26.87
C LEU A 305 8.71 16.05 -25.53
N ASN A 306 7.94 16.11 -24.47
CA ASN A 306 8.48 16.06 -23.11
C ASN A 306 7.38 15.68 -22.13
N VAL A 307 7.76 15.03 -21.04
CA VAL A 307 6.76 14.59 -20.09
C VAL A 307 5.71 15.65 -19.74
N ASP A 308 6.14 16.88 -19.51
CA ASP A 308 5.23 17.96 -19.12
C ASP A 308 4.06 18.21 -20.06
N LEU A 309 2.88 18.39 -19.48
CA LEU A 309 1.59 18.62 -20.16
C LEU A 309 1.57 18.30 -21.64
N LEU A 310 2.49 17.48 -22.12
CA LEU A 310 2.40 17.17 -23.54
C LEU A 310 1.62 15.87 -23.70
N ASP A 311 0.41 15.97 -23.16
CA ASP A 311 -0.67 15.01 -23.13
C ASP A 311 -1.74 16.15 -23.23
N VAL A 312 -1.94 16.56 -24.47
CA VAL A 312 -2.78 17.65 -24.81
C VAL A 312 -4.13 17.39 -25.51
N HIS A 313 -4.62 16.14 -25.40
CA HIS A 313 -5.96 15.70 -25.82
C HIS A 313 -6.72 15.28 -27.07
N ALA A 314 -7.98 14.97 -26.76
CA ALA A 314 -8.98 14.61 -27.69
C ALA A 314 -8.82 15.77 -28.52
N ASP A 315 -8.17 16.73 -27.87
CA ASP A 315 -7.74 18.05 -28.30
C ASP A 315 -8.62 19.21 -28.73
N LYS A 316 -8.55 20.30 -27.99
CA LYS A 316 -9.31 21.48 -28.37
C LYS A 316 -9.30 22.68 -27.41
N SER A 317 -10.51 22.92 -26.94
CA SER A 317 -10.90 23.99 -26.04
C SER A 317 -11.72 23.28 -24.99
N THR A 318 -12.22 22.11 -25.36
CA THR A 318 -13.04 21.28 -24.50
C THR A 318 -12.46 21.32 -23.09
N PHE A 319 -13.33 21.38 -22.10
CA PHE A 319 -12.84 21.51 -20.75
C PHE A 319 -12.52 20.33 -19.90
N HIS A 320 -11.27 20.17 -19.53
CA HIS A 320 -10.99 19.13 -18.56
C HIS A 320 -9.87 19.67 -17.70
N ARG A 321 -10.01 19.45 -16.40
CA ARG A 321 -9.01 19.88 -15.44
C ARG A 321 -7.96 18.80 -15.44
N PHE A 322 -6.69 19.19 -15.52
CA PHE A 322 -5.66 18.18 -15.43
C PHE A 322 -4.68 18.50 -14.32
N ASP A 323 -5.24 18.48 -13.12
CA ASP A 323 -4.49 18.70 -11.95
C ASP A 323 -3.53 17.55 -11.99
N LYS A 324 -3.83 16.48 -11.25
CA LYS A 324 -2.93 15.36 -11.16
C LYS A 324 -3.62 14.10 -10.81
N PHE A 325 -4.56 14.16 -9.90
CA PHE A 325 -5.28 12.97 -9.48
C PHE A 325 -6.13 12.50 -10.62
N ASN A 326 -6.73 13.45 -11.32
CA ASN A 326 -7.58 13.12 -12.45
C ASN A 326 -6.70 12.62 -13.57
N LEU A 327 -5.54 13.21 -13.69
CA LEU A 327 -4.62 12.80 -14.71
C LEU A 327 -4.18 11.34 -14.61
N LYS A 328 -4.51 10.66 -13.51
CA LYS A 328 -4.13 9.25 -13.35
C LYS A 328 -5.27 8.41 -12.78
N TYR A 329 -6.09 9.04 -11.94
CA TYR A 329 -7.26 8.38 -11.35
C TYR A 329 -8.55 8.33 -12.18
N ASN A 330 -8.78 9.37 -12.97
CA ASN A 330 -9.95 9.43 -13.85
C ASN A 330 -9.63 8.72 -15.18
N PRO A 331 -10.48 7.77 -15.54
CA PRO A 331 -10.27 7.01 -16.75
C PRO A 331 -10.56 7.82 -18.01
N CYS A 332 -11.57 8.67 -17.94
CA CYS A 332 -11.95 9.41 -19.14
C CYS A 332 -11.35 10.77 -19.35
N GLY A 333 -11.96 11.49 -20.28
CA GLY A 333 -11.52 12.82 -20.62
C GLY A 333 -10.04 12.73 -20.76
N GLN A 334 -9.54 11.58 -21.18
CA GLN A 334 -8.11 11.44 -21.27
C GLN A 334 -7.47 11.78 -22.61
N SER A 335 -6.24 12.28 -22.50
CA SER A 335 -5.39 12.69 -23.61
C SER A 335 -5.13 11.61 -24.65
N ARG A 336 -4.34 11.97 -25.66
CA ARG A 336 -4.03 11.04 -26.73
C ARG A 336 -2.79 10.18 -26.51
N LEU A 337 -1.60 10.74 -26.38
CA LEU A 337 -0.45 9.88 -26.14
C LEU A 337 -0.69 9.10 -24.88
N ARG A 338 -1.36 9.70 -23.92
CA ARG A 338 -1.64 9.03 -22.66
C ARG A 338 -2.51 7.78 -22.84
N GLU A 339 -3.48 7.87 -23.75
CA GLU A 339 -4.37 6.75 -24.00
C GLU A 339 -3.60 5.67 -24.73
N ILE A 340 -2.64 6.09 -25.54
CA ILE A 340 -1.83 5.15 -26.30
C ILE A 340 -0.77 4.47 -25.45
N PHE A 341 0.13 5.29 -24.91
CA PHE A 341 1.27 4.82 -24.11
C PHE A 341 1.12 4.59 -22.64
N LEU A 342 0.15 5.20 -21.99
CA LEU A 342 0.09 4.94 -20.58
C LEU A 342 -1.17 4.31 -20.09
N LYS A 343 -1.82 3.50 -20.93
CA LYS A 343 -3.01 2.76 -20.52
C LYS A 343 -3.13 1.41 -21.22
N GLN A 344 -4.01 0.55 -20.70
CA GLN A 344 -4.22 -0.79 -21.23
C GLN A 344 -5.58 -1.02 -21.87
N ASP A 345 -6.62 -0.40 -21.33
CA ASP A 345 -7.96 -0.55 -21.89
C ASP A 345 -8.08 0.42 -23.05
N ASN A 346 -7.09 0.42 -23.93
CA ASN A 346 -7.11 1.31 -25.07
C ASN A 346 -7.26 0.49 -26.33
N LEU A 347 -6.90 1.06 -27.48
CA LEU A 347 -7.07 0.37 -28.76
C LEU A 347 -6.11 -0.75 -29.06
N ILE A 348 -4.82 -0.45 -29.19
CA ILE A 348 -3.90 -1.52 -29.49
C ILE A 348 -3.70 -2.40 -28.25
N GLN A 349 -4.78 -2.62 -27.53
CA GLN A 349 -4.81 -3.48 -26.34
C GLN A 349 -3.86 -3.21 -25.17
N GLY A 350 -2.73 -2.59 -25.42
CA GLY A 350 -1.79 -2.31 -24.36
C GLY A 350 -0.40 -2.51 -24.91
N ARG A 351 -0.34 -3.10 -26.09
CA ARG A 351 0.92 -3.40 -26.79
C ARG A 351 2.02 -2.40 -26.46
N PHE A 352 1.66 -1.21 -25.99
CA PHE A 352 2.66 -0.21 -25.66
C PHE A 352 2.91 -0.01 -24.16
N LEU A 353 1.86 0.00 -23.34
CA LEU A 353 2.06 0.17 -21.89
C LEU A 353 2.81 -1.08 -21.48
N GLY A 354 2.16 -2.22 -21.71
CA GLY A 354 2.78 -3.49 -21.40
C GLY A 354 4.21 -3.41 -21.90
N GLU A 355 4.36 -3.43 -23.19
CA GLU A 355 5.68 -3.39 -23.77
C GLU A 355 6.66 -2.59 -22.92
N ILE A 356 6.18 -1.53 -22.31
CA ILE A 356 7.04 -0.68 -21.49
C ILE A 356 7.34 -1.29 -20.16
N THR A 357 6.29 -1.81 -19.55
CA THR A 357 6.41 -2.46 -18.26
C THR A 357 7.58 -3.40 -18.30
N LYS A 358 7.51 -4.32 -19.26
CA LYS A 358 8.55 -5.31 -19.43
C LYS A 358 9.92 -4.72 -19.20
N GLN A 359 10.35 -3.80 -20.05
CA GLN A 359 11.68 -3.26 -19.85
C GLN A 359 11.83 -2.55 -18.54
N VAL A 360 10.73 -2.45 -17.81
CA VAL A 360 10.83 -1.84 -16.51
C VAL A 360 11.30 -3.02 -15.67
N PHE A 361 10.48 -4.09 -15.67
CA PHE A 361 10.80 -5.28 -14.94
C PHE A 361 12.23 -5.73 -15.20
N SER A 362 12.61 -5.98 -16.45
CA SER A 362 13.97 -6.42 -16.73
C SER A 362 15.03 -5.61 -15.97
N ASP A 363 14.97 -4.28 -16.08
CA ASP A 363 15.93 -3.43 -15.38
C ASP A 363 15.72 -3.48 -13.88
N LEU A 364 14.52 -3.86 -13.46
CA LEU A 364 14.17 -3.97 -12.07
C LEU A 364 14.89 -5.20 -11.59
N GLU A 365 14.66 -6.30 -12.29
CA GLU A 365 15.31 -7.56 -11.98
C GLU A 365 16.82 -7.43 -12.14
N ALA A 366 17.25 -6.32 -12.71
CA ALA A 366 18.66 -6.12 -12.91
C ALA A 366 19.30 -5.91 -11.56
N SER A 367 19.03 -4.77 -10.94
CA SER A 367 19.63 -4.47 -9.65
C SER A 367 19.30 -5.41 -8.52
N LYS A 368 18.66 -6.52 -8.87
CA LYS A 368 18.35 -7.61 -7.95
C LYS A 368 17.61 -7.34 -6.63
N TYR A 369 18.01 -6.29 -5.92
CA TYR A 369 17.41 -6.01 -4.61
C TYR A 369 16.21 -5.10 -4.45
N GLN A 370 15.84 -4.35 -5.48
CA GLN A 370 14.70 -3.43 -5.33
C GLN A 370 13.42 -4.08 -5.79
N MET A 371 12.45 -4.23 -4.91
CA MET A 371 11.20 -4.86 -5.32
C MET A 371 10.16 -3.79 -5.60
N ALA A 372 8.95 -4.19 -5.96
CA ALA A 372 7.93 -3.20 -6.26
C ALA A 372 6.48 -3.66 -6.04
N GLU A 373 5.70 -2.85 -5.34
CA GLU A 373 4.32 -3.21 -5.14
C GLU A 373 3.45 -2.27 -5.95
N TYR A 374 3.60 -2.35 -7.27
CA TYR A 374 2.86 -1.57 -8.26
C TYR A 374 1.35 -1.52 -8.12
N ARG A 375 0.80 -0.32 -8.10
CA ARG A 375 -0.65 -0.14 -8.02
C ARG A 375 -1.27 -0.13 -9.45
N ILE A 376 -2.33 -0.91 -9.64
CA ILE A 376 -3.02 -1.01 -10.94
C ILE A 376 -4.50 -0.79 -10.73
N SER A 377 -5.15 -0.02 -11.60
CA SER A 377 -6.56 0.32 -11.36
C SER A 377 -7.74 -0.48 -11.91
N ILE A 378 -8.89 -0.29 -11.25
CA ILE A 378 -10.13 -0.92 -11.64
C ILE A 378 -11.24 -0.03 -11.06
N TYR A 379 -11.88 0.69 -11.97
CA TYR A 379 -12.87 1.65 -11.63
C TYR A 379 -14.19 1.04 -11.31
N GLY A 380 -14.48 -0.15 -11.81
CA GLY A 380 -15.77 -0.71 -11.45
C GLY A 380 -16.98 -0.08 -12.12
N ARG A 381 -16.80 0.27 -13.39
CA ARG A 381 -17.85 0.83 -14.23
C ARG A 381 -18.32 -0.37 -15.08
N LYS A 382 -17.34 -1.16 -15.54
CA LYS A 382 -17.59 -2.34 -16.35
C LYS A 382 -17.13 -3.66 -15.71
N MET A 383 -18.04 -4.65 -15.70
CA MET A 383 -17.78 -5.99 -15.18
C MET A 383 -16.53 -6.54 -15.83
N SER A 384 -16.27 -6.13 -17.06
CA SER A 384 -15.11 -6.62 -17.78
C SER A 384 -13.78 -6.32 -17.09
N GLU A 385 -13.56 -5.04 -16.78
CA GLU A 385 -12.32 -4.55 -16.18
C GLU A 385 -11.43 -5.61 -15.54
N TRP A 386 -11.99 -6.41 -14.63
CA TRP A 386 -11.24 -7.48 -13.99
C TRP A 386 -10.63 -8.42 -15.05
N ASP A 387 -11.45 -9.31 -15.62
CA ASP A 387 -10.96 -10.23 -16.67
C ASP A 387 -10.16 -9.44 -17.70
N GLN A 388 -10.77 -8.35 -18.15
CA GLN A 388 -10.20 -7.44 -19.13
C GLN A 388 -8.77 -7.10 -18.80
N LEU A 389 -8.53 -6.81 -17.53
CA LEU A 389 -7.19 -6.47 -17.10
C LEU A 389 -6.34 -7.71 -17.05
N ALA A 390 -6.91 -8.73 -16.40
CA ALA A 390 -6.23 -10.03 -16.20
C ALA A 390 -5.51 -10.51 -17.45
N SER A 391 -6.29 -10.58 -18.50
CA SER A 391 -5.85 -10.98 -19.81
C SER A 391 -4.74 -10.07 -20.30
N TRP A 392 -4.73 -8.82 -19.82
CA TRP A 392 -3.73 -7.87 -20.25
C TRP A 392 -2.41 -8.40 -19.72
N ILE A 393 -2.42 -8.86 -18.47
CA ILE A 393 -1.20 -9.35 -17.84
C ILE A 393 -0.57 -10.51 -18.55
N VAL A 394 -1.41 -11.53 -18.73
CA VAL A 394 -1.03 -12.78 -19.37
C VAL A 394 -0.51 -12.58 -20.76
N ASN A 395 -1.42 -12.30 -21.67
CA ASN A 395 -1.12 -12.14 -23.08
C ASN A 395 0.15 -11.32 -23.36
N ASN A 396 0.71 -10.73 -22.29
CA ASN A 396 1.91 -9.92 -22.39
C ASN A 396 3.06 -10.51 -21.57
N ASP A 397 2.75 -11.60 -20.86
CA ASP A 397 3.70 -12.32 -19.99
C ASP A 397 4.38 -11.34 -19.04
N LEU A 398 3.51 -10.70 -18.24
CA LEU A 398 3.89 -9.70 -17.25
C LEU A 398 4.00 -10.27 -15.86
N TYR A 399 5.19 -10.76 -15.58
CA TYR A 399 5.51 -11.36 -14.30
C TYR A 399 6.97 -11.19 -13.92
N SER A 400 7.17 -10.92 -12.64
CA SER A 400 8.50 -10.81 -12.13
C SER A 400 8.44 -11.26 -10.71
N GLU A 401 9.60 -11.73 -10.27
CA GLU A 401 9.82 -12.24 -8.94
C GLU A 401 9.62 -11.05 -8.02
N ASN A 402 10.24 -9.94 -8.43
CA ASN A 402 10.25 -8.67 -7.69
C ASN A 402 8.98 -7.83 -7.65
N VAL A 403 8.06 -8.07 -8.57
CA VAL A 403 6.83 -7.30 -8.63
C VAL A 403 5.59 -8.05 -8.24
N VAL A 404 4.67 -7.38 -7.55
CA VAL A 404 3.38 -7.96 -7.18
C VAL A 404 2.41 -6.84 -7.46
N TRP A 405 1.10 -7.05 -7.29
CA TRP A 405 0.19 -5.97 -7.62
C TRP A 405 -0.87 -5.73 -6.61
N LEU A 406 -1.32 -4.49 -6.57
CA LEU A 406 -2.43 -4.12 -5.70
C LEU A 406 -3.42 -3.42 -6.61
N ILE A 407 -4.68 -3.78 -6.49
CA ILE A 407 -5.70 -3.18 -7.30
C ILE A 407 -6.18 -1.93 -6.59
N GLN A 408 -6.18 -0.82 -7.35
CA GLN A 408 -6.59 0.49 -6.87
C GLN A 408 -7.83 0.92 -7.58
N LEU A 409 -8.85 1.15 -6.78
CA LEU A 409 -10.15 1.57 -7.27
C LEU A 409 -10.27 3.00 -6.84
N PRO A 410 -10.37 3.91 -7.81
CA PRO A 410 -10.51 5.33 -7.53
C PRO A 410 -11.94 5.62 -7.07
N ARG A 411 -12.11 6.33 -5.95
CA ARG A 411 -13.43 6.68 -5.43
C ARG A 411 -14.05 7.79 -6.28
N LEU A 412 -14.51 7.44 -7.49
CA LEU A 412 -15.10 8.41 -8.44
C LEU A 412 -16.54 8.14 -8.83
N TYR A 413 -17.27 7.41 -8.02
CA TYR A 413 -18.65 7.13 -8.33
C TYR A 413 -19.38 8.32 -8.88
N ASN A 414 -19.28 9.45 -8.20
CA ASN A 414 -20.00 10.65 -8.61
C ASN A 414 -19.79 11.03 -10.07
N ILE A 415 -18.65 10.62 -10.63
CA ILE A 415 -18.37 10.88 -12.05
C ILE A 415 -19.12 9.80 -12.83
N TYR A 416 -18.95 8.57 -12.42
CA TYR A 416 -19.64 7.47 -13.05
C TYR A 416 -21.19 7.58 -12.85
N LYS A 417 -21.68 8.62 -12.19
CA LYS A 417 -23.13 8.73 -12.01
C LYS A 417 -23.64 9.92 -12.74
N ASP A 418 -22.78 10.53 -13.52
CA ASP A 418 -23.20 11.67 -14.30
C ASP A 418 -23.19 11.01 -15.64
N MET A 419 -22.09 10.32 -15.89
CA MET A 419 -21.87 9.60 -17.11
C MET A 419 -22.90 8.52 -17.32
N GLY A 420 -23.91 8.48 -16.45
CA GLY A 420 -24.99 7.50 -16.52
C GLY A 420 -24.67 6.01 -16.60
N ILE A 421 -23.38 5.69 -16.71
CA ILE A 421 -22.89 4.32 -16.83
C ILE A 421 -23.07 3.45 -15.59
N VAL A 422 -23.69 4.00 -14.56
CA VAL A 422 -23.81 3.28 -13.32
C VAL A 422 -25.03 3.93 -12.72
N THR A 423 -25.81 3.23 -11.91
CA THR A 423 -26.99 3.91 -11.37
C THR A 423 -27.01 4.09 -9.86
N SER A 424 -26.31 3.24 -9.13
CA SER A 424 -26.28 3.33 -7.67
C SER A 424 -25.01 2.70 -7.19
N PHE A 425 -24.40 3.28 -6.17
CA PHE A 425 -23.12 2.77 -5.65
C PHE A 425 -22.93 1.26 -5.78
N GLN A 426 -23.98 0.54 -5.43
CA GLN A 426 -24.01 -0.91 -5.49
C GLN A 426 -23.29 -1.46 -6.72
N ASN A 427 -23.64 -0.93 -7.90
CA ASN A 427 -23.10 -1.35 -9.19
C ASN A 427 -21.61 -1.56 -9.20
N ILE A 428 -20.92 -0.76 -8.39
CA ILE A 428 -19.46 -0.81 -8.32
C ILE A 428 -19.01 -1.99 -7.48
N LEU A 429 -19.68 -2.23 -6.36
CA LEU A 429 -19.32 -3.34 -5.53
C LEU A 429 -19.49 -4.54 -6.39
N ASP A 430 -20.48 -4.44 -7.27
CA ASP A 430 -20.81 -5.51 -8.19
C ASP A 430 -19.74 -5.69 -9.28
N ASN A 431 -19.13 -4.59 -9.74
CA ASN A 431 -18.10 -4.71 -10.78
C ASN A 431 -16.71 -5.17 -10.33
N ILE A 432 -16.49 -5.28 -9.03
CA ILE A 432 -15.19 -5.67 -8.50
C ILE A 432 -15.25 -6.86 -7.57
N PHE A 433 -16.37 -6.99 -6.86
CA PHE A 433 -16.52 -8.09 -5.93
C PHE A 433 -17.34 -9.23 -6.47
N ILE A 434 -17.27 -9.47 -7.77
CA ILE A 434 -18.04 -10.55 -8.32
C ILE A 434 -17.26 -11.13 -9.44
N PRO A 435 -16.68 -10.28 -10.29
CA PRO A 435 -15.88 -10.81 -11.39
C PRO A 435 -14.82 -11.67 -10.72
N LEU A 436 -14.62 -11.41 -9.45
CA LEU A 436 -13.74 -12.23 -8.65
C LEU A 436 -14.77 -12.64 -7.62
N PHE A 437 -14.78 -13.93 -7.36
CA PHE A 437 -15.71 -14.55 -6.46
C PHE A 437 -16.14 -15.56 -7.47
N GLU A 438 -16.51 -15.04 -8.63
CA GLU A 438 -16.91 -15.88 -9.74
C GLU A 438 -15.66 -16.67 -10.04
N ALA A 439 -14.55 -15.95 -10.17
CA ALA A 439 -13.30 -16.60 -10.46
C ALA A 439 -12.84 -17.48 -9.30
N THR A 440 -13.40 -17.32 -8.10
CA THR A 440 -12.92 -18.15 -7.01
C THR A 440 -13.71 -19.45 -6.95
N VAL A 441 -15.02 -19.37 -7.08
CA VAL A 441 -15.81 -20.58 -7.07
C VAL A 441 -15.33 -21.40 -8.26
N ASP A 442 -15.58 -20.90 -9.47
CA ASP A 442 -15.14 -21.65 -10.63
C ASP A 442 -13.93 -21.06 -11.30
N PRO A 443 -12.76 -21.47 -10.86
CA PRO A 443 -11.52 -20.97 -11.47
C PRO A 443 -11.65 -20.80 -12.97
N ASP A 444 -12.01 -21.87 -13.64
CA ASP A 444 -12.11 -21.89 -15.09
C ASP A 444 -13.17 -21.01 -15.73
N SER A 445 -14.06 -20.41 -14.95
CA SER A 445 -15.08 -19.54 -15.53
C SER A 445 -14.40 -18.19 -15.78
N HIS A 446 -13.28 -17.99 -15.09
CA HIS A 446 -12.49 -16.78 -15.21
C HIS A 446 -11.00 -17.15 -15.14
N PRO A 447 -10.58 -18.04 -16.05
CA PRO A 447 -9.17 -18.45 -16.08
C PRO A 447 -8.28 -17.25 -16.27
N GLN A 448 -6.97 -17.48 -16.44
CA GLN A 448 -5.97 -16.40 -16.60
C GLN A 448 -6.36 -15.03 -16.04
N LEU A 449 -7.17 -15.13 -14.99
CA LEU A 449 -7.63 -14.04 -14.21
C LEU A 449 -6.99 -14.61 -12.97
N HIS A 450 -7.11 -15.93 -12.85
CA HIS A 450 -6.51 -16.64 -11.73
C HIS A 450 -5.03 -16.44 -11.77
N VAL A 451 -4.40 -16.88 -12.85
CA VAL A 451 -2.95 -16.72 -12.98
C VAL A 451 -2.54 -15.29 -12.64
N PHE A 452 -3.51 -14.40 -12.66
CA PHE A 452 -3.24 -13.00 -12.32
C PHE A 452 -3.35 -12.83 -10.79
N LEU A 453 -4.51 -13.14 -10.23
CA LEU A 453 -4.72 -13.03 -8.79
C LEU A 453 -3.67 -13.75 -7.89
N LYS A 454 -2.86 -14.62 -8.46
CA LYS A 454 -1.85 -15.30 -7.63
C LYS A 454 -0.65 -14.35 -7.62
N GLN A 455 -0.92 -13.16 -8.11
CA GLN A 455 0.05 -12.12 -8.21
C GLN A 455 -0.58 -10.84 -7.63
N VAL A 456 -1.88 -10.84 -7.40
CA VAL A 456 -2.46 -9.65 -6.84
C VAL A 456 -2.19 -9.88 -5.39
N VAL A 457 -1.93 -8.83 -4.61
CA VAL A 457 -1.68 -9.03 -3.19
C VAL A 457 -2.52 -8.16 -2.27
N GLY A 458 -3.13 -7.10 -2.79
CA GLY A 458 -3.94 -6.27 -1.92
C GLY A 458 -4.78 -5.22 -2.63
N PHE A 459 -5.87 -4.79 -2.01
CA PHE A 459 -6.77 -3.82 -2.62
C PHE A 459 -6.63 -2.42 -2.05
N ASP A 460 -6.06 -1.51 -2.85
CA ASP A 460 -5.77 -0.09 -2.53
C ASP A 460 -6.80 0.82 -3.20
N LEU A 461 -7.50 1.68 -2.44
CA LEU A 461 -8.51 2.61 -3.01
C LEU A 461 -8.06 4.07 -2.92
N VAL A 462 -8.37 4.89 -3.93
CA VAL A 462 -7.88 6.29 -4.00
C VAL A 462 -8.65 7.57 -4.41
N ASP A 463 -7.87 8.63 -4.62
CA ASP A 463 -8.25 9.99 -5.06
C ASP A 463 -7.87 11.09 -4.08
N ASP A 464 -7.87 12.33 -4.58
CA ASP A 464 -7.54 13.51 -3.79
C ASP A 464 -8.24 13.42 -2.47
N GLU A 465 -7.50 13.16 -1.42
CA GLU A 465 -8.07 13.02 -0.08
C GLU A 465 -8.80 14.24 0.45
N SER A 466 -8.41 15.41 -0.05
CA SER A 466 -8.96 16.66 0.42
C SER A 466 -10.32 17.09 -0.10
N LYS A 467 -10.82 16.44 -1.15
CA LYS A 467 -12.12 16.82 -1.67
C LYS A 467 -13.02 16.77 -0.45
N PRO A 468 -13.92 17.75 -0.27
CA PRO A 468 -14.81 17.76 0.90
C PRO A 468 -15.82 16.61 0.98
N GLU A 469 -16.36 16.36 2.18
CA GLU A 469 -17.33 15.29 2.34
C GLU A 469 -18.15 15.34 3.64
N ARG A 470 -19.39 14.85 3.56
CA ARG A 470 -20.29 14.82 4.71
C ARG A 470 -19.92 13.55 5.47
N ARG A 471 -19.23 13.68 6.60
CA ARG A 471 -18.82 12.48 7.34
C ARG A 471 -20.00 11.66 7.89
N PRO A 472 -20.23 10.48 7.29
CA PRO A 472 -21.27 9.48 7.57
C PRO A 472 -21.78 9.38 8.98
N THR A 473 -23.09 9.19 9.12
CA THR A 473 -23.71 9.06 10.40
C THR A 473 -23.81 7.56 10.68
N LYS A 474 -24.75 7.15 11.54
CA LYS A 474 -24.92 5.73 11.85
C LYS A 474 -26.02 5.07 11.03
N HIS A 475 -27.23 5.60 11.10
CA HIS A 475 -28.30 5.05 10.30
C HIS A 475 -27.90 5.51 8.89
N MET A 476 -27.16 4.66 8.17
CA MET A 476 -26.67 5.03 6.83
C MET A 476 -27.18 4.22 5.64
N PRO A 477 -27.76 4.91 4.63
CA PRO A 477 -28.31 4.38 3.38
C PRO A 477 -27.52 3.22 2.79
N THR A 478 -28.19 2.11 2.50
CA THR A 478 -27.48 0.96 1.93
C THR A 478 -26.80 1.36 0.65
N PRO A 479 -25.91 0.49 0.11
CA PRO A 479 -25.20 0.78 -1.12
C PRO A 479 -26.07 0.94 -2.35
N ALA A 480 -27.24 0.31 -2.33
CA ALA A 480 -28.19 0.37 -3.43
C ALA A 480 -29.39 1.28 -3.15
N GLN A 481 -29.26 2.15 -2.17
CA GLN A 481 -30.31 3.12 -1.84
C GLN A 481 -29.61 4.44 -2.16
N TRP A 482 -28.32 4.28 -2.43
CA TRP A 482 -27.46 5.38 -2.76
C TRP A 482 -27.47 5.64 -4.24
N THR A 483 -28.44 6.48 -4.61
CA THR A 483 -28.65 6.87 -5.99
C THR A 483 -28.37 8.35 -6.19
N ASN A 484 -28.46 9.09 -5.10
CA ASN A 484 -28.24 10.52 -5.12
C ASN A 484 -27.03 10.89 -5.97
N ALA A 485 -26.86 12.19 -6.18
CA ALA A 485 -25.81 12.75 -7.00
C ALA A 485 -24.38 12.73 -6.49
N PHE A 486 -24.22 12.65 -5.16
CA PHE A 486 -22.89 12.70 -4.53
C PHE A 486 -22.11 11.45 -4.27
N ASN A 487 -20.80 11.63 -4.15
CA ASN A 487 -19.88 10.54 -3.88
C ASN A 487 -20.01 10.08 -2.44
N PRO A 488 -20.08 8.77 -2.21
CA PRO A 488 -20.21 8.40 -0.81
C PRO A 488 -18.93 8.71 -0.08
N ALA A 489 -19.08 9.06 1.19
CA ALA A 489 -17.93 9.37 2.02
C ALA A 489 -16.81 8.32 1.94
N PHE A 490 -15.72 8.58 2.66
CA PHE A 490 -14.57 7.68 2.67
C PHE A 490 -14.97 6.44 3.43
N SER A 491 -15.12 6.61 4.73
CA SER A 491 -15.52 5.55 5.64
C SER A 491 -16.39 4.55 4.92
N TYR A 492 -17.43 5.09 4.31
CA TYR A 492 -18.40 4.30 3.57
C TYR A 492 -17.67 3.47 2.55
N TYR A 493 -16.79 4.08 1.79
CA TYR A 493 -16.08 3.31 0.79
C TYR A 493 -15.39 2.11 1.35
N VAL A 494 -14.50 2.34 2.30
CA VAL A 494 -13.73 1.24 2.91
C VAL A 494 -14.64 0.18 3.46
N TYR A 495 -15.65 0.60 4.21
CA TYR A 495 -16.52 -0.39 4.79
C TYR A 495 -16.90 -1.50 3.83
N TYR A 496 -17.80 -1.18 2.91
CA TYR A 496 -18.26 -2.16 1.94
C TYR A 496 -17.09 -2.73 1.14
N CYS A 497 -15.99 -2.02 1.13
CA CYS A 497 -14.79 -2.43 0.42
C CYS A 497 -13.99 -3.34 1.34
N TYR A 498 -14.47 -3.42 2.56
CA TYR A 498 -13.80 -4.23 3.55
C TYR A 498 -14.51 -5.55 3.65
N ALA A 499 -15.79 -5.50 4.00
CA ALA A 499 -16.60 -6.69 4.15
C ALA A 499 -16.37 -7.59 2.99
N ASN A 500 -16.75 -7.11 1.81
CA ASN A 500 -16.60 -7.90 0.60
C ASN A 500 -15.23 -8.51 0.61
N LEU A 501 -14.23 -7.65 0.44
CA LEU A 501 -12.85 -8.09 0.48
C LEU A 501 -12.73 -9.26 1.47
N TYR A 502 -13.24 -9.01 2.67
CA TYR A 502 -13.24 -9.94 3.79
C TYR A 502 -13.90 -11.27 3.53
N VAL A 503 -15.22 -11.24 3.49
CA VAL A 503 -16.01 -12.44 3.25
C VAL A 503 -15.50 -13.17 1.98
N LEU A 504 -14.95 -12.45 1.02
CA LEU A 504 -14.40 -13.15 -0.10
C LEU A 504 -13.10 -13.76 0.42
N ASN A 505 -12.27 -12.99 1.11
CA ASN A 505 -11.02 -13.54 1.62
C ASN A 505 -11.20 -14.81 2.44
N LYS A 506 -12.19 -14.82 3.33
CA LYS A 506 -12.40 -15.98 4.17
C LYS A 506 -13.01 -17.17 3.42
N LEU A 507 -12.65 -17.29 2.14
CA LEU A 507 -13.13 -18.36 1.30
C LEU A 507 -12.03 -18.73 0.31
N ARG A 508 -11.38 -17.74 -0.29
CA ARG A 508 -10.28 -18.05 -1.21
C ARG A 508 -9.28 -18.75 -0.34
N GLU A 509 -9.44 -18.51 0.95
CA GLU A 509 -8.62 -19.11 1.99
C GLU A 509 -9.22 -20.50 2.06
N SER A 510 -10.52 -20.52 2.35
CA SER A 510 -11.28 -21.75 2.43
C SER A 510 -10.84 -22.73 1.33
N LYS A 511 -10.92 -22.30 0.08
CA LYS A 511 -10.57 -23.11 -1.09
C LYS A 511 -9.07 -23.22 -1.30
N GLY A 512 -8.28 -22.65 -0.42
CA GLY A 512 -6.83 -22.74 -0.57
C GLY A 512 -6.20 -21.91 -1.67
N MET A 513 -6.78 -20.75 -1.97
CA MET A 513 -6.25 -19.86 -3.00
C MET A 513 -5.69 -18.60 -2.35
N THR A 514 -4.86 -17.85 -3.10
CA THR A 514 -4.27 -16.62 -2.59
C THR A 514 -5.35 -15.68 -2.06
N THR A 515 -4.98 -14.81 -1.12
CA THR A 515 -5.93 -13.83 -0.58
C THR A 515 -5.39 -12.42 -0.74
N ILE A 516 -6.29 -11.45 -0.74
CA ILE A 516 -5.90 -10.05 -0.93
C ILE A 516 -6.13 -9.21 0.30
N THR A 517 -5.19 -8.32 0.54
CA THR A 517 -5.28 -7.51 1.73
C THR A 517 -5.69 -6.09 1.47
N LEU A 518 -6.43 -5.50 2.42
CA LEU A 518 -6.87 -4.13 2.28
C LEU A 518 -5.74 -3.16 2.64
N ARG A 519 -5.19 -2.45 1.66
CA ARG A 519 -4.09 -1.54 1.89
C ARG A 519 -4.31 -0.11 1.38
N PRO A 520 -5.41 0.54 1.80
CA PRO A 520 -5.86 1.90 1.47
C PRO A 520 -4.85 3.00 1.45
N HIS A 521 -5.09 4.03 0.66
CA HIS A 521 -4.24 5.20 0.63
C HIS A 521 -5.03 5.98 1.68
N SER A 522 -4.45 6.35 2.82
CA SER A 522 -5.25 7.09 3.80
C SER A 522 -4.51 8.06 4.69
N GLY A 523 -5.11 9.22 4.94
CA GLY A 523 -4.48 10.20 5.80
C GLY A 523 -3.38 11.03 5.19
N GLU A 524 -3.54 11.38 3.93
CA GLU A 524 -2.58 12.21 3.23
C GLU A 524 -3.04 13.66 3.26
N ALA A 525 -4.34 13.84 3.41
CA ALA A 525 -4.94 15.15 3.51
C ALA A 525 -6.32 14.82 4.02
N GLY A 526 -7.27 15.74 3.99
CA GLY A 526 -8.62 15.38 4.43
C GLY A 526 -8.93 15.40 5.90
N ASP A 527 -9.95 14.64 6.29
CA ASP A 527 -10.34 14.61 7.68
C ASP A 527 -9.65 13.51 8.48
N ILE A 528 -9.58 13.72 9.78
CA ILE A 528 -8.95 12.82 10.72
C ILE A 528 -9.57 11.42 10.76
N ASP A 529 -10.87 11.34 10.51
CA ASP A 529 -11.59 10.08 10.56
C ASP A 529 -11.13 9.06 9.55
N HIS A 530 -10.55 9.48 8.44
CA HIS A 530 -10.08 8.51 7.47
C HIS A 530 -9.23 7.49 8.19
N LEU A 531 -8.27 7.97 8.95
CA LEU A 531 -7.39 7.12 9.71
C LEU A 531 -8.16 6.31 10.75
N ALA A 532 -8.95 6.98 11.59
CA ALA A 532 -9.73 6.25 12.59
C ALA A 532 -10.31 4.98 11.98
N ALA A 533 -11.09 5.13 10.91
CA ALA A 533 -11.71 3.99 10.23
C ALA A 533 -10.68 3.04 9.63
N THR A 534 -9.71 3.64 8.97
CA THR A 534 -8.67 2.88 8.36
C THR A 534 -8.09 1.98 9.47
N PHE A 535 -7.81 2.55 10.64
CA PHE A 535 -7.23 1.83 11.78
C PHE A 535 -8.01 0.62 12.23
N LEU A 536 -9.34 0.70 12.11
CA LEU A 536 -10.21 -0.40 12.49
C LEU A 536 -10.28 -1.52 11.49
N THR A 537 -9.97 -1.22 10.23
CA THR A 537 -10.15 -2.21 9.21
C THR A 537 -9.07 -2.64 8.26
N CYS A 538 -7.94 -1.95 8.18
CA CYS A 538 -6.92 -2.38 7.21
C CYS A 538 -5.53 -2.81 7.70
N HIS A 539 -4.85 -3.44 6.76
CA HIS A 539 -3.50 -3.92 6.98
C HIS A 539 -2.65 -2.63 6.95
N SER A 540 -1.66 -2.58 6.08
CA SER A 540 -0.79 -1.43 5.87
C SER A 540 -1.67 -0.20 5.58
N ILE A 541 -1.04 0.88 5.12
CA ILE A 541 -1.73 2.14 4.78
C ILE A 541 -0.79 2.91 3.88
N ALA A 542 -1.30 3.81 3.06
CA ALA A 542 -0.34 4.48 2.24
C ALA A 542 0.11 5.80 2.77
N HIS A 543 -0.70 6.54 3.51
CA HIS A 543 -0.02 7.74 3.90
C HIS A 543 0.23 8.09 5.33
N GLY A 544 -0.76 8.28 6.18
CA GLY A 544 -0.40 8.57 7.54
C GLY A 544 0.08 9.96 7.88
N ILE A 545 0.40 10.76 6.88
CA ILE A 545 0.83 12.14 7.11
C ILE A 545 -0.03 12.75 8.20
N ASN A 546 -1.30 12.43 8.22
CA ASN A 546 -2.12 13.05 9.22
C ASN A 546 -2.10 12.46 10.60
N LEU A 547 -1.40 11.37 10.80
CA LEU A 547 -1.36 10.85 12.16
C LEU A 547 -0.76 11.98 12.99
N ARG A 548 0.00 12.84 12.33
CA ARG A 548 0.70 13.95 12.97
C ARG A 548 -0.20 14.93 13.67
N LYS A 549 -1.50 14.83 13.46
CA LYS A 549 -2.42 15.76 14.09
C LYS A 549 -3.32 15.07 15.10
N SER A 550 -2.97 13.87 15.52
CA SER A 550 -3.78 13.18 16.52
C SER A 550 -2.92 12.29 17.37
N PRO A 551 -2.60 12.73 18.57
CA PRO A 551 -1.78 11.97 19.48
C PRO A 551 -2.29 10.57 19.58
N VAL A 552 -3.57 10.49 19.89
CA VAL A 552 -4.17 9.21 20.06
C VAL A 552 -4.03 8.25 18.87
N LEU A 553 -4.57 8.57 17.70
CA LEU A 553 -4.40 7.62 16.59
C LEU A 553 -2.94 7.26 16.33
N GLN A 554 -2.08 8.23 16.53
CA GLN A 554 -0.71 7.96 16.31
C GLN A 554 -0.26 6.93 17.32
N TYR A 555 -0.70 7.08 18.55
CA TYR A 555 -0.30 6.14 19.56
C TYR A 555 -0.82 4.73 19.27
N LEU A 556 -2.07 4.60 18.83
CA LEU A 556 -2.58 3.28 18.52
C LEU A 556 -1.69 2.72 17.45
N TYR A 557 -1.69 3.34 16.29
CA TYR A 557 -0.85 2.83 15.26
C TYR A 557 0.51 2.36 15.78
N TYR A 558 0.99 2.91 16.89
CA TYR A 558 2.28 2.46 17.42
C TYR A 558 2.03 1.08 17.92
N LEU A 559 1.25 1.00 18.99
CA LEU A 559 0.89 -0.27 19.61
C LEU A 559 0.62 -1.29 18.58
N ALA A 560 -0.54 -1.16 17.94
CA ALA A 560 -0.95 -2.07 16.90
C ALA A 560 0.16 -2.39 15.89
N GLN A 561 1.04 -1.44 15.63
CA GLN A 561 2.14 -1.67 14.68
C GLN A 561 1.68 -1.79 13.27
N ILE A 562 0.76 -0.87 12.94
CA ILE A 562 0.09 -0.74 11.66
C ILE A 562 0.91 -0.47 10.42
N GLY A 563 2.13 0.02 10.54
CA GLY A 563 2.91 0.18 9.32
C GLY A 563 2.43 1.14 8.25
N LEU A 564 3.26 2.15 8.01
CA LEU A 564 3.00 3.20 7.03
C LEU A 564 3.96 3.21 5.84
N ALA A 565 3.41 3.19 4.63
CA ALA A 565 4.24 3.26 3.42
C ALA A 565 4.19 4.73 2.95
N MET A 566 5.22 5.51 3.28
CA MET A 566 5.29 6.94 2.99
C MET A 566 6.21 7.43 1.92
N SER A 567 5.70 8.40 1.15
CA SER A 567 6.40 9.04 0.04
C SER A 567 6.64 10.48 0.37
N PRO A 568 7.70 10.82 1.09
CA PRO A 568 8.01 12.18 1.47
C PRO A 568 8.22 13.09 0.30
N LEU A 569 9.07 12.63 -0.58
CA LEU A 569 9.39 13.38 -1.74
C LEU A 569 8.13 13.76 -2.54
N SER A 570 7.17 12.86 -2.61
CA SER A 570 5.97 13.22 -3.31
C SER A 570 5.12 14.14 -2.42
N ASN A 571 4.82 13.69 -1.21
CA ASN A 571 4.03 14.46 -0.26
C ASN A 571 4.48 15.91 -0.28
N ASN A 572 5.74 16.11 -0.62
CA ASN A 572 6.34 17.42 -0.70
C ASN A 572 5.82 18.27 -1.86
N SER A 573 5.35 17.59 -2.91
CA SER A 573 4.80 18.26 -4.09
C SER A 573 3.70 19.24 -3.76
N LEU A 574 2.60 18.72 -3.23
CA LEU A 574 1.43 19.51 -2.89
C LEU A 574 1.20 19.72 -1.37
N PHE A 575 0.63 18.71 -0.76
CA PHE A 575 0.29 18.69 0.66
C PHE A 575 1.26 19.07 1.76
N LEU A 576 2.57 18.90 1.58
CA LEU A 576 3.46 19.20 2.71
C LEU A 576 4.92 19.55 2.43
N ASP A 577 5.46 20.57 3.10
CA ASP A 577 6.86 20.92 2.87
C ASP A 577 7.65 19.67 3.20
N TYR A 578 8.84 19.53 2.64
CA TYR A 578 9.64 18.35 2.92
C TYR A 578 9.99 18.31 4.38
N HIS A 579 10.72 19.33 4.77
CA HIS A 579 11.22 19.47 6.11
C HIS A 579 10.17 19.47 7.20
N ARG A 580 8.90 19.59 6.84
CA ARG A 580 7.82 19.57 7.85
C ARG A 580 7.12 18.21 7.91
N ASN A 581 7.63 17.26 7.14
CA ASN A 581 7.04 15.92 7.03
C ASN A 581 7.36 15.17 8.25
N PRO A 582 6.39 14.46 8.81
CA PRO A 582 6.56 13.67 10.03
C PRO A 582 7.33 12.37 9.99
N PHE A 583 7.65 11.84 8.82
CA PHE A 583 8.35 10.56 8.78
C PHE A 583 9.46 10.34 9.84
N PRO A 584 10.56 11.07 9.73
CA PRO A 584 11.65 10.91 10.68
C PRO A 584 11.16 10.82 12.10
N VAL A 585 10.16 11.61 12.43
CA VAL A 585 9.64 11.54 13.77
C VAL A 585 8.87 10.27 14.04
N PHE A 586 8.11 9.83 13.05
CA PHE A 586 7.34 8.63 13.20
C PHE A 586 8.33 7.49 13.25
N PHE A 587 9.51 7.74 12.70
CA PHE A 587 10.51 6.71 12.70
C PHE A 587 11.19 6.57 14.05
N LEU A 588 11.40 7.72 14.68
CA LEU A 588 12.06 7.78 15.96
C LEU A 588 11.21 7.16 17.00
N ARG A 589 9.93 7.39 16.90
CA ARG A 589 9.05 6.84 17.91
C ARG A 589 8.75 5.37 17.66
N GLY A 590 9.37 4.80 16.63
CA GLY A 590 9.16 3.39 16.37
C GLY A 590 7.92 2.94 15.61
N LEU A 591 7.23 3.85 14.93
CA LEU A 591 6.07 3.43 14.16
C LEU A 591 6.63 2.62 13.00
N ASN A 592 5.80 1.75 12.47
CA ASN A 592 6.16 0.82 11.39
C ASN A 592 6.25 1.57 10.03
N VAL A 593 7.17 2.51 9.92
CA VAL A 593 7.28 3.28 8.69
C VAL A 593 8.16 2.66 7.65
N SER A 594 7.90 3.06 6.39
CA SER A 594 8.63 2.62 5.20
C SER A 594 8.73 3.79 4.23
N LEU A 595 9.77 3.80 3.41
CA LEU A 595 9.89 4.89 2.47
C LEU A 595 9.48 4.35 1.12
N SER A 596 8.59 5.11 0.46
CA SER A 596 8.06 4.71 -0.83
C SER A 596 8.34 5.69 -1.94
N THR A 597 7.67 5.51 -3.05
CA THR A 597 7.94 6.38 -4.14
C THR A 597 6.80 7.18 -4.77
N ASP A 598 5.67 6.53 -5.03
CA ASP A 598 4.49 7.19 -5.61
C ASP A 598 4.49 7.30 -7.13
N ASP A 599 5.10 8.38 -7.64
CA ASP A 599 5.21 8.67 -9.07
C ASP A 599 6.65 8.88 -9.49
N PRO A 600 7.43 7.82 -9.66
CA PRO A 600 8.81 8.11 -10.05
C PRO A 600 8.96 8.91 -11.34
N LEU A 601 7.90 8.94 -12.13
CA LEU A 601 7.96 9.65 -13.38
C LEU A 601 8.03 11.14 -13.14
N GLN A 602 7.05 11.64 -12.40
CA GLN A 602 6.99 13.06 -12.08
C GLN A 602 8.10 13.50 -11.11
N ILE A 603 8.25 12.71 -10.07
CA ILE A 603 9.15 12.98 -8.98
C ILE A 603 10.65 12.87 -9.04
N HIS A 604 11.22 11.71 -9.32
CA HIS A 604 12.69 11.59 -9.25
C HIS A 604 13.62 12.04 -10.38
N LEU A 605 14.89 12.20 -10.05
CA LEU A 605 15.93 12.61 -10.99
C LEU A 605 16.87 11.50 -11.36
N THR A 606 16.79 10.34 -10.69
CA THR A 606 17.74 9.27 -10.99
C THR A 606 17.22 8.04 -11.63
N LYS A 607 18.15 7.34 -12.25
CA LYS A 607 17.89 6.09 -12.91
C LYS A 607 17.28 5.23 -11.80
N GLU A 608 17.85 5.25 -10.60
CA GLU A 608 17.31 4.44 -9.51
C GLU A 608 16.31 5.05 -8.49
N PRO A 609 15.12 5.44 -8.97
CA PRO A 609 14.09 6.06 -8.13
C PRO A 609 14.17 5.95 -6.62
N LEU A 610 13.59 4.91 -6.04
CA LEU A 610 13.53 4.80 -4.59
C LEU A 610 14.82 4.78 -3.81
N VAL A 611 15.91 4.28 -4.37
CA VAL A 611 17.12 4.35 -3.59
C VAL A 611 17.26 5.83 -3.36
N GLU A 612 17.21 6.58 -4.47
CA GLU A 612 17.30 8.03 -4.39
C GLU A 612 16.35 8.54 -3.30
N GLU A 613 15.25 7.83 -3.03
CA GLU A 613 14.40 8.35 -1.97
C GLU A 613 15.22 8.20 -0.74
N TYR A 614 15.45 6.95 -0.35
CA TYR A 614 16.22 6.66 0.85
C TYR A 614 17.41 7.58 0.94
N SER A 615 18.06 7.90 -0.17
CA SER A 615 19.24 8.74 -0.11
C SER A 615 19.04 10.22 0.22
N ILE A 616 17.95 10.85 -0.23
CA ILE A 616 17.78 12.26 0.11
C ILE A 616 17.20 12.27 1.52
N ALA A 617 16.51 11.20 1.85
CA ALA A 617 15.94 11.07 3.18
C ALA A 617 17.08 11.00 4.19
N ALA A 618 17.92 10.01 4.01
CA ALA A 618 19.04 9.83 4.89
C ALA A 618 19.75 11.12 5.12
N SER A 619 19.85 11.96 4.08
CA SER A 619 20.57 13.23 4.16
C SER A 619 19.94 14.42 4.80
N VAL A 620 18.64 14.61 4.62
CA VAL A 620 18.02 15.76 5.27
C VAL A 620 17.65 15.44 6.70
N TRP A 621 17.29 14.19 6.96
CA TRP A 621 16.89 13.79 8.29
C TRP A 621 18.09 13.25 9.10
N LYS A 622 19.23 13.02 8.44
CA LYS A 622 20.43 12.49 9.09
C LYS A 622 20.19 11.06 9.59
N LEU A 623 20.13 10.10 8.69
CA LEU A 623 19.92 8.72 9.06
C LEU A 623 21.20 7.91 8.89
N SER A 624 21.44 6.90 9.72
CA SER A 624 22.64 6.08 9.58
C SER A 624 22.24 4.95 8.68
N ALA A 625 23.10 3.94 8.53
CA ALA A 625 22.72 2.81 7.69
C ALA A 625 21.84 1.90 8.51
N CYS A 626 22.23 1.68 9.76
CA CYS A 626 21.42 0.85 10.62
C CYS A 626 20.02 1.40 10.51
N ASP A 627 19.92 2.71 10.31
CA ASP A 627 18.65 3.40 10.18
C ASP A 627 17.93 3.07 8.87
N LEU A 628 18.63 3.20 7.73
CA LEU A 628 18.02 2.88 6.44
C LEU A 628 17.74 1.41 6.40
N CYS A 629 18.74 0.64 6.78
CA CYS A 629 18.60 -0.79 6.79
C CYS A 629 17.43 -1.17 7.66
N GLU A 630 17.23 -0.45 8.75
CA GLU A 630 16.14 -0.80 9.61
C GLU A 630 14.88 -0.54 8.82
N ILE A 631 14.92 0.51 8.02
CA ILE A 631 13.78 0.88 7.23
C ILE A 631 13.49 -0.07 6.07
N ALA A 632 14.51 -0.30 5.26
CA ALA A 632 14.41 -1.21 4.15
C ALA A 632 13.95 -2.58 4.66
N ARG A 633 14.58 -3.04 5.74
CA ARG A 633 14.23 -4.31 6.33
C ARG A 633 12.74 -4.36 6.54
N ASN A 634 12.20 -3.46 7.36
CA ASN A 634 10.76 -3.54 7.63
C ASN A 634 9.86 -3.04 6.52
N SER A 635 10.46 -2.75 5.36
CA SER A 635 9.66 -2.33 4.22
C SER A 635 9.09 -3.68 3.84
N VAL A 636 9.99 -4.67 3.78
CA VAL A 636 9.67 -6.06 3.49
C VAL A 636 8.67 -6.67 4.43
N TYR A 637 8.77 -6.43 5.72
CA TYR A 637 7.80 -7.03 6.64
C TYR A 637 6.39 -6.59 6.32
N GLN A 638 6.33 -5.39 5.76
CA GLN A 638 5.12 -4.71 5.37
C GLN A 638 4.62 -5.21 4.05
N SER A 639 5.52 -5.79 3.26
CA SER A 639 5.23 -6.32 1.93
C SER A 639 4.28 -7.51 1.84
N GLY A 640 3.88 -7.84 0.60
CA GLY A 640 2.96 -8.94 0.35
C GLY A 640 3.53 -10.20 -0.33
N PHE A 641 4.84 -10.33 -0.39
CA PHE A 641 5.44 -11.51 -1.00
C PHE A 641 5.40 -12.82 -0.19
N SER A 642 5.65 -13.90 -0.92
CA SER A 642 5.68 -15.29 -0.46
C SER A 642 6.60 -15.55 0.71
N HIS A 643 6.20 -16.45 1.60
CA HIS A 643 7.09 -16.75 2.72
C HIS A 643 8.45 -17.19 2.15
N ALA A 644 8.37 -17.91 1.04
CA ALA A 644 9.53 -18.44 0.37
C ALA A 644 10.57 -17.39 0.07
N LEU A 645 10.11 -16.19 -0.16
CA LEU A 645 11.02 -15.12 -0.54
C LEU A 645 11.37 -14.24 0.63
N LYS A 646 10.45 -14.13 1.58
CA LYS A 646 10.73 -13.31 2.74
C LYS A 646 11.91 -14.02 3.41
N SER A 647 11.70 -15.28 3.76
CA SER A 647 12.73 -16.09 4.40
C SER A 647 14.08 -15.93 3.74
N HIS A 648 14.08 -15.99 2.43
CA HIS A 648 15.31 -15.88 1.71
C HIS A 648 15.92 -14.51 1.73
N TRP A 649 15.07 -13.49 1.86
CA TRP A 649 15.51 -12.09 1.87
C TRP A 649 15.91 -11.55 3.23
N ILE A 650 15.08 -11.84 4.21
CA ILE A 650 15.38 -11.41 5.54
C ILE A 650 15.90 -12.60 6.39
N GLY A 651 15.05 -13.52 6.80
CA GLY A 651 15.55 -14.64 7.57
C GLY A 651 14.49 -15.70 7.68
N LYS A 652 14.91 -16.95 7.86
CA LYS A 652 13.95 -18.05 7.95
C LYS A 652 13.22 -18.05 9.26
N ASP A 653 13.65 -17.15 10.13
CA ASP A 653 13.04 -17.01 11.43
C ASP A 653 12.26 -15.72 11.50
N TYR A 654 12.19 -15.02 10.38
CA TYR A 654 11.49 -13.76 10.32
C TYR A 654 10.07 -13.77 10.97
N TYR A 655 9.35 -14.88 10.89
CA TYR A 655 8.04 -14.87 11.47
C TYR A 655 8.07 -14.65 12.97
N LYS A 656 9.26 -14.56 13.55
CA LYS A 656 9.34 -14.42 15.01
C LYS A 656 9.28 -12.99 15.57
N ARG A 657 8.32 -12.79 16.47
CA ARG A 657 8.15 -11.50 17.09
C ARG A 657 9.44 -11.15 17.82
N GLY A 658 10.03 -10.00 17.47
CA GLY A 658 11.23 -9.56 18.15
C GLY A 658 12.61 -9.75 17.53
N PRO A 659 13.65 -9.57 18.36
CA PRO A 659 15.04 -9.67 17.99
C PRO A 659 15.44 -11.02 17.51
N ASP A 660 15.03 -12.07 18.23
CA ASP A 660 15.44 -13.40 17.80
C ASP A 660 14.85 -13.74 16.44
N GLY A 661 14.12 -12.77 15.90
CA GLY A 661 13.52 -12.95 14.59
C GLY A 661 14.15 -12.19 13.43
N ASN A 662 15.40 -11.76 13.54
CA ASN A 662 16.07 -11.02 12.48
C ASN A 662 17.50 -11.54 12.23
N ASP A 663 17.80 -12.07 11.03
CA ASP A 663 19.16 -12.58 10.76
C ASP A 663 20.11 -11.52 10.22
N ILE A 664 20.74 -10.77 11.11
CA ILE A 664 21.59 -9.69 10.62
C ILE A 664 22.41 -10.02 9.41
N HIS A 665 22.72 -11.28 9.18
CA HIS A 665 23.51 -11.60 8.02
C HIS A 665 22.78 -11.40 6.72
N LYS A 666 21.47 -11.19 6.78
CA LYS A 666 20.72 -11.00 5.56
C LYS A 666 19.86 -9.74 5.66
N THR A 667 19.96 -9.09 6.83
CA THR A 667 19.22 -7.87 7.18
C THR A 667 20.07 -6.63 7.46
N ASN A 668 21.29 -6.88 7.90
CA ASN A 668 22.29 -5.91 8.26
C ASN A 668 21.90 -4.96 9.34
N VAL A 669 20.92 -5.33 10.15
CA VAL A 669 20.59 -4.45 11.21
C VAL A 669 20.80 -5.16 12.53
N PRO A 670 21.53 -4.51 13.42
CA PRO A 670 21.91 -4.92 14.76
C PRO A 670 20.81 -5.51 15.52
N HIS A 671 21.08 -6.71 15.97
CA HIS A 671 20.18 -7.47 16.79
C HIS A 671 19.82 -6.51 17.93
N ILE A 672 20.74 -5.63 18.25
CA ILE A 672 20.51 -4.69 19.33
C ILE A 672 19.58 -3.53 19.04
N ARG A 673 19.39 -3.17 17.77
CA ARG A 673 18.46 -2.09 17.43
C ARG A 673 17.05 -2.63 17.59
N VAL A 674 16.82 -3.80 17.02
CA VAL A 674 15.52 -4.36 17.16
C VAL A 674 15.22 -4.84 18.57
N GLU A 675 16.25 -5.28 19.32
CA GLU A 675 15.95 -5.70 20.68
C GLU A 675 15.48 -4.45 21.43
N PHE A 676 16.10 -3.32 21.11
CA PHE A 676 15.70 -2.08 21.76
C PHE A 676 14.27 -1.83 21.42
N ARG A 677 13.95 -2.00 20.14
CA ARG A 677 12.60 -1.72 19.66
C ARG A 677 11.58 -2.69 20.17
N ASP A 678 11.95 -3.95 20.26
CA ASP A 678 10.98 -4.93 20.70
C ASP A 678 10.65 -4.81 22.18
N THR A 679 11.65 -4.38 22.94
CA THR A 679 11.54 -4.22 24.38
C THR A 679 10.85 -2.91 24.78
N ILE A 680 10.98 -1.85 23.98
CA ILE A 680 10.33 -0.58 24.31
C ILE A 680 8.84 -0.68 23.99
N TRP A 681 8.56 -1.50 22.99
CA TRP A 681 7.20 -1.74 22.56
C TRP A 681 6.53 -2.65 23.60
N LYS A 682 7.22 -3.75 23.94
CA LYS A 682 6.74 -4.70 24.92
C LYS A 682 6.37 -3.90 26.17
N GLU A 683 7.24 -2.97 26.52
CA GLU A 683 7.09 -2.07 27.67
C GLU A 683 5.81 -1.22 27.58
N GLU A 684 5.65 -0.54 26.46
CA GLU A 684 4.49 0.30 26.28
C GLU A 684 3.23 -0.52 26.38
N MET A 685 3.20 -1.67 25.69
CA MET A 685 2.06 -2.59 25.67
C MET A 685 1.70 -2.91 27.09
N GLN A 686 2.73 -3.19 27.87
CA GLN A 686 2.50 -3.50 29.25
C GLN A 686 1.90 -2.31 29.95
N GLN A 687 2.33 -1.12 29.58
CA GLN A 687 1.78 0.05 30.23
C GLN A 687 0.27 0.14 30.02
N VAL A 688 -0.14 -0.16 28.79
CA VAL A 688 -1.54 -0.05 28.43
C VAL A 688 -2.47 -1.20 28.76
N TYR A 689 -1.97 -2.44 28.72
CA TYR A 689 -2.78 -3.58 29.11
C TYR A 689 -2.39 -3.83 30.56
N LEU A 690 -2.12 -2.69 31.22
CA LEU A 690 -1.67 -2.53 32.60
C LEU A 690 -1.21 -3.76 33.34
N GLY A 691 -0.20 -4.40 32.78
CA GLY A 691 0.38 -5.57 33.36
C GLY A 691 -0.10 -6.86 32.72
N LYS A 692 -1.33 -6.84 32.23
CA LYS A 692 -1.93 -8.04 31.64
C LYS A 692 -1.93 -8.10 30.09
N ALA A 693 -0.73 -8.24 29.55
CA ALA A 693 -0.51 -8.25 28.11
C ALA A 693 -0.68 -9.47 27.24
N VAL A 694 -1.23 -9.18 26.07
CA VAL A 694 -1.49 -10.13 25.00
C VAL A 694 -0.30 -11.07 24.76
N ILE A 695 0.86 -10.49 24.47
CA ILE A 695 2.11 -11.19 24.23
C ILE A 695 2.54 -11.68 22.82
N SER A 696 1.92 -12.74 22.28
CA SER A 696 2.28 -13.34 20.98
C SER A 696 3.76 -13.46 20.62
N ASP A 697 4.20 -14.65 20.23
CA ASP A 697 5.61 -14.84 19.96
C ASP A 697 5.96 -14.92 18.52
N GLU A 698 5.00 -14.50 17.69
CA GLU A 698 5.19 -14.47 16.27
C GLU A 698 4.60 -13.18 15.75
N VAL A 699 5.19 -12.66 14.68
CA VAL A 699 4.76 -11.40 14.13
C VAL A 699 3.30 -11.41 13.75
N VAL A 700 3.04 -11.46 12.45
CA VAL A 700 1.67 -11.47 11.91
C VAL A 700 1.86 -11.37 10.39
N PRO A 701 1.17 -12.22 9.62
CA PRO A 701 1.19 -12.33 8.14
C PRO A 701 2.39 -11.75 7.32
ZN ZN B . 0.07 7.10 -3.95
P PO4 C . 22.52 -13.09 -1.19
O1 PO4 C . 21.41 -13.91 -2.06
O2 PO4 C . 23.97 -13.12 -1.92
O3 PO4 C . 22.08 -11.53 -1.08
O4 PO4 C . 22.58 -13.72 0.16
O1P CF5 D . 2.77 11.98 -13.00
P CF5 D . 1.61 12.79 -12.20
O3P CF5 D . 2.28 13.43 -10.60
O2P CF5 D . 0.99 14.05 -13.40
O5S CF5 D . 0.42 11.78 -11.79
C5S CF5 D . 0.05 11.55 -10.42
C4S CF5 D . -0.72 10.27 -10.30
C3S CF5 D . -2.07 10.46 -9.64
O3S CF5 D . -3.10 10.17 -10.56
O4S CF5 D . -0.01 9.23 -9.53
C1S CF5 D . -0.68 8.87 -8.33
C2S CF5 D . -2.04 9.51 -8.46
O2S CF5 D . -3.00 8.49 -8.61
N3 CF5 D . -0.20 9.54 -7.09
C2 CF5 D . 0.79 10.47 -6.95
C10 CF5 D . -0.65 9.38 -5.84
N4 CF5 D . -1.66 8.55 -5.34
C5 CF5 D . -2.53 8.84 -4.48
N6 CF5 D . -2.63 10.00 -3.88
C7 CF5 D . -1.58 10.80 -3.38
C8 CF5 D . -0.23 10.18 -3.61
C9 CF5 D . 0.08 10.22 -4.94
N1 CF5 D . 0.96 10.88 -5.67
O8 CF5 D . -0.27 8.75 -3.25
#